data_7UVO
#
_entry.id   7UVO
#
_cell.length_a   163.710
_cell.length_b   42.850
_cell.length_c   95.300
_cell.angle_alpha   90.000
_cell.angle_beta   102.492
_cell.angle_gamma   90.000
#
_symmetry.space_group_name_H-M   'C 1 2 1'
#
loop_
_entity.id
_entity.type
_entity.pdbx_description
1 polymer 'RUPA-38 Fab heavy chain'
2 polymer 'RUPA-38 Fab light chain'
3 polymer 'Gametocyte surface protein P230'
4 non-polymer 'CHLORIDE ION'
5 non-polymer 'ISOPROPYL ALCOHOL'
6 water water
#
loop_
_entity_poly.entity_id
_entity_poly.type
_entity_poly.pdbx_seq_one_letter_code
_entity_poly.pdbx_strand_id
1 'polypeptide(L)'
;EVQLVESGGGLVQPGRSLRLSCAVSGFNFEDYAMHWVRQTPGKGLEWVSGISWNSGTLAYGDFVQGRFIISRDNAKNFLY
LQMNSLRPEDTALYYCANDRMRWIQVPHYWGQGTLVTVSSASTKGPSVFPLAPSSKSTSGGTAALGCLVKDYFPEPVTVS
WNSGALTSGVHTFPAVLQSSGLYSLSSVVTVPSSSLGTQTYICNVNHKPSNTKVDKKVEPKSC
;
A
2 'polypeptide(L)'
;LSALTQPRSVSGSPGQSVTISCTGTNDDVGEYNYVSWYQQHPGKAPKLMIYDVTKRPSGVPDRFSASKSGNTASLTISGL
QAEDEANYYCCSYAGTYHMVFGGGTKLTVLVLGQPKAAPSVTLFPPSSEELQANKATLVCLISDFYPGAVTVAWKADSSP
VKAGVETTTPSKQSNNKYAASSYLSLTPEQWKSHRSYSCQVTHEGSTVEKTVAPTECC
;
B
3 'polypeptide(L)'
;VGVDELDKIDLSYETTESGDTAVSEDSYDKYASQNTNKEYVCDFTDQLKPTESGPKVKKCEVKVNEPLIKVKIICPLKGS
VEKLYDNIEYVPKKSPYVVLTKEETKLKEKLLSKLIYGLLISPTVNEKENNFKEGVIEFTLPPVVHKATVFYFICDNSKT
EDDNKKGNRGIVEVYVEPYGGSLKENLYFQGWSHPQFEK
;
C
#
# COMPACT_ATOMS: atom_id res chain seq x y z
N GLU A 1 17.00 1.71 -18.61
CA GLU A 1 17.59 3.04 -18.45
C GLU A 1 17.31 3.61 -17.06
N VAL A 2 16.04 3.69 -16.71
CA VAL A 2 15.62 4.16 -15.38
C VAL A 2 15.81 3.02 -14.39
N GLN A 3 16.45 3.30 -13.25
CA GLN A 3 16.33 2.37 -12.14
C GLN A 3 16.42 3.11 -10.82
N LEU A 4 15.89 2.45 -9.79
CA LEU A 4 15.75 2.94 -8.44
C LEU A 4 16.11 1.78 -7.52
N VAL A 5 17.03 2.01 -6.60
CA VAL A 5 17.58 0.96 -5.74
C VAL A 5 17.39 1.40 -4.31
N GLU A 6 16.48 0.71 -3.59
CA GLU A 6 16.23 0.98 -2.18
C GLU A 6 17.21 0.19 -1.33
N SER A 7 17.53 0.75 -0.17
CA SER A 7 18.45 0.14 0.77
C SER A 7 18.06 0.60 2.17
N GLY A 8 18.50 -0.16 3.18
CA GLY A 8 18.32 0.26 4.56
C GLY A 8 17.29 -0.53 5.35
N GLY A 9 16.64 -1.53 4.75
CA GLY A 9 15.73 -2.38 5.48
C GLY A 9 16.44 -3.47 6.28
N GLY A 10 15.68 -4.08 7.18
CA GLY A 10 16.23 -5.08 8.09
C GLY A 10 15.25 -5.31 9.23
N LEU A 11 15.77 -5.87 10.32
CA LEU A 11 14.95 -6.20 11.48
C LEU A 11 15.19 -5.18 12.58
N VAL A 12 14.10 -4.65 13.15
CA VAL A 12 14.20 -3.83 14.35
C VAL A 12 13.16 -4.28 15.36
N GLN A 13 13.45 -4.02 16.63
CA GLN A 13 12.48 -4.21 17.68
C GLN A 13 11.44 -3.08 17.61
N PRO A 14 10.24 -3.30 18.16
CA PRO A 14 9.25 -2.23 18.21
C PRO A 14 9.74 -1.05 19.03
N GLY A 15 9.47 0.15 18.52
CA GLY A 15 9.94 1.39 19.09
C GLY A 15 11.23 1.93 18.50
N ARG A 16 11.95 1.12 17.70
CA ARG A 16 13.25 1.50 17.20
C ARG A 16 13.09 2.15 15.83
N SER A 17 14.20 2.45 15.17
CA SER A 17 14.17 3.31 14.00
C SER A 17 15.05 2.74 12.90
N LEU A 18 14.64 2.97 11.66
CA LEU A 18 15.41 2.64 10.47
C LEU A 18 15.44 3.87 9.56
N ARG A 19 16.47 3.96 8.72
CA ARG A 19 16.47 4.96 7.66
C ARG A 19 16.55 4.22 6.33
N LEU A 20 15.57 4.45 5.47
CA LEU A 20 15.58 3.92 4.12
C LEU A 20 16.19 4.94 3.17
N SER A 21 16.99 4.45 2.24
CA SER A 21 17.58 5.26 1.18
C SER A 21 17.15 4.70 -0.17
N CYS A 22 17.08 5.57 -1.17
CA CYS A 22 16.72 5.19 -2.53
C CYS A 22 17.65 5.95 -3.47
N ALA A 23 18.56 5.22 -4.13
CA ALA A 23 19.44 5.80 -5.14
C ALA A 23 18.80 5.63 -6.51
N VAL A 24 18.84 6.67 -7.33
CA VAL A 24 18.16 6.63 -8.63
C VAL A 24 19.15 6.96 -9.74
N SER A 25 18.77 6.56 -10.95
CA SER A 25 19.55 6.89 -12.14
C SER A 25 18.68 6.70 -13.37
N GLY A 26 19.10 7.35 -14.45
CA GLY A 26 18.40 7.24 -15.72
C GLY A 26 17.31 8.27 -15.94
N PHE A 27 17.09 9.16 -14.98
CA PHE A 27 16.17 10.28 -15.17
C PHE A 27 16.67 11.45 -14.32
N ASN A 28 16.24 12.66 -14.69
CA ASN A 28 16.70 13.88 -14.03
C ASN A 28 15.90 14.08 -12.75
N PHE A 29 16.27 13.30 -11.73
CA PHE A 29 15.67 13.20 -10.39
C PHE A 29 15.12 14.50 -9.80
N GLU A 30 15.88 15.58 -9.94
CA GLU A 30 15.56 16.85 -9.30
C GLU A 30 14.27 17.48 -9.82
N ASP A 31 13.76 17.03 -10.97
CA ASP A 31 12.56 17.58 -11.57
C ASP A 31 11.31 16.75 -11.30
N TYR A 32 11.40 15.74 -10.45
CA TYR A 32 10.33 14.77 -10.28
C TYR A 32 9.91 14.66 -8.82
N ALA A 33 8.60 14.54 -8.60
CA ALA A 33 8.12 14.13 -7.30
C ALA A 33 8.43 12.65 -7.09
N MET A 34 8.44 12.25 -5.83
CA MET A 34 8.87 10.91 -5.45
C MET A 34 7.95 10.40 -4.35
N HIS A 35 7.87 9.06 -4.26
CA HIS A 35 6.95 8.35 -3.38
C HIS A 35 7.67 7.22 -2.65
N TRP A 36 7.20 6.97 -1.44
CA TRP A 36 7.42 5.71 -0.74
C TRP A 36 6.08 4.99 -0.62
N VAL A 37 6.07 3.71 -1.01
CA VAL A 37 4.90 2.84 -0.97
C VAL A 37 5.29 1.51 -0.35
N ARG A 38 4.46 0.97 0.53
CA ARG A 38 4.79 -0.32 1.11
C ARG A 38 3.76 -1.37 0.71
N GLN A 39 4.21 -2.61 0.79
CA GLN A 39 3.40 -3.77 0.48
C GLN A 39 3.72 -4.83 1.53
N THR A 40 2.76 -5.12 2.39
CA THR A 40 2.94 -6.29 3.24
C THR A 40 2.89 -7.51 2.32
N PRO A 41 3.88 -8.41 2.37
CA PRO A 41 3.97 -9.49 1.36
C PRO A 41 2.73 -10.37 1.27
N GLY A 42 1.92 -10.45 2.33
CA GLY A 42 0.60 -11.04 2.23
C GLY A 42 -0.50 -10.09 1.76
N LYS A 43 -0.27 -8.78 1.78
CA LYS A 43 -1.33 -7.83 1.49
C LYS A 43 -1.03 -6.96 0.26
N GLY A 44 -1.68 -5.81 0.17
CA GLY A 44 -1.61 -4.96 -1.00
C GLY A 44 -0.67 -3.78 -0.83
N LEU A 45 -0.77 -2.84 -1.77
CA LEU A 45 0.04 -1.63 -1.78
C LEU A 45 -0.55 -0.57 -0.85
N GLU A 46 0.32 0.16 -0.17
CA GLU A 46 -0.10 1.16 0.79
C GLU A 46 0.83 2.35 0.66
N TRP A 47 0.26 3.52 0.37
CA TRP A 47 1.08 4.72 0.18
C TRP A 47 1.61 5.21 1.52
N VAL A 48 2.91 5.48 1.55
CA VAL A 48 3.59 5.85 2.78
C VAL A 48 3.85 7.33 2.82
N SER A 49 4.44 7.86 1.76
CA SER A 49 4.85 9.26 1.79
C SER A 49 5.18 9.72 0.40
N GLY A 50 5.20 11.04 0.21
CA GLY A 50 5.57 11.60 -1.07
C GLY A 50 6.13 12.99 -0.86
N ILE A 51 6.91 13.44 -1.85
CA ILE A 51 7.61 14.73 -1.77
C ILE A 51 7.74 15.29 -3.19
N SER A 52 7.46 16.57 -3.35
CA SER A 52 7.56 17.17 -4.68
C SER A 52 9.02 17.42 -5.03
N TRP A 53 9.24 17.84 -6.28
CA TRP A 53 10.59 17.99 -6.84
C TRP A 53 11.47 18.92 -6.01
N ASN A 54 10.89 20.01 -5.50
CA ASN A 54 11.66 21.01 -4.78
C ASN A 54 11.43 20.94 -3.28
N SER A 55 10.86 19.83 -2.79
CA SER A 55 10.41 19.66 -1.41
C SER A 55 9.40 20.73 -0.98
N GLY A 56 8.73 21.39 -1.94
CA GLY A 56 7.76 22.42 -1.62
C GLY A 56 6.51 21.88 -0.98
N THR A 57 6.23 20.59 -1.17
CA THR A 57 5.13 19.89 -0.53
C THR A 57 5.61 18.48 -0.23
N LEU A 58 5.11 17.93 0.87
CA LEU A 58 5.35 16.54 1.20
C LEU A 58 4.17 16.07 2.04
N ALA A 59 3.93 14.76 2.05
CA ALA A 59 2.83 14.24 2.85
C ALA A 59 3.08 12.79 3.20
N TYR A 60 2.20 12.26 4.08
CA TYR A 60 2.37 10.94 4.67
C TYR A 60 1.02 10.25 4.71
N GLY A 61 1.04 8.91 4.61
CA GLY A 61 -0.17 8.13 4.81
C GLY A 61 -0.69 8.27 6.22
N ASP A 62 -1.96 7.92 6.42
CA ASP A 62 -2.58 8.24 7.71
C ASP A 62 -2.11 7.34 8.86
N PHE A 63 -1.46 6.22 8.57
CA PHE A 63 -0.88 5.37 9.61
C PHE A 63 0.44 5.91 10.14
N VAL A 64 1.05 6.89 9.45
CA VAL A 64 2.39 7.34 9.79
C VAL A 64 2.38 8.12 11.09
N GLN A 65 1.49 9.12 11.20
CA GLN A 65 1.15 9.79 12.45
C GLN A 65 2.38 10.44 13.10
N GLY A 66 3.15 11.17 12.31
CA GLY A 66 4.26 11.93 12.83
C GLY A 66 5.55 11.15 13.04
N ARG A 67 5.57 9.86 12.71
CA ARG A 67 6.73 9.03 13.00
C ARG A 67 7.81 9.07 11.90
N PHE A 68 7.47 9.42 10.66
CA PHE A 68 8.38 9.24 9.54
C PHE A 68 8.72 10.60 8.92
N ILE A 69 9.91 10.69 8.32
CA ILE A 69 10.39 11.91 7.69
C ILE A 69 10.89 11.59 6.29
N ILE A 70 10.22 12.11 5.27
CA ILE A 70 10.69 11.97 3.90
C ILE A 70 11.57 13.18 3.58
N SER A 71 12.64 12.94 2.82
CA SER A 71 13.49 14.04 2.38
C SER A 71 14.24 13.61 1.13
N ARG A 72 14.94 14.57 0.52
CA ARG A 72 15.58 14.29 -0.76
C ARG A 72 16.83 15.13 -0.90
N ASP A 73 17.82 14.57 -1.61
CA ASP A 73 19.05 15.25 -2.02
C ASP A 73 19.05 15.22 -3.55
N ASN A 74 18.76 16.38 -4.15
CA ASN A 74 18.65 16.55 -5.59
C ASN A 74 20.00 16.62 -6.29
N ALA A 75 21.08 16.81 -5.55
CA ALA A 75 22.42 16.75 -6.13
C ALA A 75 22.98 15.34 -6.17
N LYS A 76 22.78 14.57 -5.11
CA LYS A 76 23.27 13.21 -5.06
C LYS A 76 22.28 12.22 -5.64
N ASN A 77 21.07 12.69 -5.96
CA ASN A 77 19.97 11.90 -6.51
C ASN A 77 19.56 10.78 -5.54
N PHE A 78 19.25 11.19 -4.32
CA PHE A 78 18.85 10.26 -3.27
C PHE A 78 17.52 10.67 -2.67
N LEU A 79 16.70 9.68 -2.35
CA LEU A 79 15.46 9.85 -1.62
C LEU A 79 15.60 9.12 -0.30
N TYR A 80 15.14 9.74 0.78
CA TYR A 80 15.29 9.20 2.12
C TYR A 80 13.95 9.11 2.83
N LEU A 81 13.84 8.12 3.72
CA LEU A 81 12.73 7.99 4.66
C LEU A 81 13.26 7.60 6.03
N GLN A 82 13.24 8.54 6.97
CA GLN A 82 13.53 8.25 8.37
C GLN A 82 12.29 7.67 9.04
N MET A 83 12.38 6.47 9.59
CA MET A 83 11.23 5.82 10.22
C MET A 83 11.52 5.62 11.70
N ASN A 84 10.82 6.38 12.53
CA ASN A 84 10.93 6.33 13.99
C ASN A 84 9.74 5.57 14.57
N SER A 85 9.95 5.05 15.79
CA SER A 85 8.90 4.44 16.62
C SER A 85 8.14 3.35 15.89
N LEU A 86 8.90 2.45 15.25
CA LEU A 86 8.31 1.47 14.36
C LEU A 86 7.45 0.49 15.14
N ARG A 87 6.36 0.06 14.53
CA ARG A 87 5.38 -0.86 15.07
C ARG A 87 5.46 -2.18 14.31
N PRO A 88 5.04 -3.30 14.93
CA PRO A 88 5.01 -4.58 14.18
C PRO A 88 4.19 -4.53 12.89
N GLU A 89 3.11 -3.75 12.86
CA GLU A 89 2.35 -3.68 11.63
C GLU A 89 3.00 -2.79 10.58
N ASP A 90 4.17 -2.20 10.86
CA ASP A 90 4.93 -1.54 9.81
C ASP A 90 5.76 -2.51 8.99
N THR A 91 5.73 -3.81 9.33
CA THR A 91 6.48 -4.83 8.61
C THR A 91 5.97 -4.96 7.17
N ALA A 92 6.84 -4.69 6.21
CA ALA A 92 6.43 -4.63 4.80
C ALA A 92 7.68 -4.57 3.93
N LEU A 93 7.47 -4.81 2.63
CA LEU A 93 8.41 -4.42 1.61
C LEU A 93 8.17 -2.95 1.26
N TYR A 94 9.25 -2.16 1.18
CA TYR A 94 9.16 -0.71 0.96
C TYR A 94 9.79 -0.36 -0.39
N TYR A 95 8.97 0.16 -1.30
CA TYR A 95 9.38 0.65 -2.61
C TYR A 95 9.52 2.16 -2.60
N CYS A 96 10.49 2.67 -3.37
CA CYS A 96 10.43 4.06 -3.81
C CYS A 96 9.98 4.10 -5.26
N ALA A 97 9.39 5.22 -5.65
CA ALA A 97 8.89 5.38 -7.01
C ALA A 97 8.95 6.84 -7.40
N ASN A 98 9.27 7.10 -8.68
CA ASN A 98 9.21 8.49 -9.13
C ASN A 98 7.78 8.81 -9.56
N ASP A 99 7.53 10.06 -9.92
CA ASP A 99 6.23 10.50 -10.39
C ASP A 99 6.34 10.81 -11.89
N ARG A 100 5.20 10.89 -12.57
CA ARG A 100 5.18 11.45 -13.90
C ARG A 100 5.41 12.96 -13.87
N MET A 101 5.04 13.60 -12.78
CA MET A 101 4.99 15.05 -12.66
C MET A 101 6.05 15.54 -11.67
N ARG A 102 6.25 16.85 -11.66
CA ARG A 102 7.09 17.47 -10.64
C ARG A 102 6.37 17.58 -9.30
N TRP A 103 5.05 17.45 -9.31
CA TRP A 103 4.23 17.40 -8.10
C TRP A 103 3.66 16.01 -7.90
N ILE A 104 3.18 15.74 -6.68
CA ILE A 104 2.67 14.43 -6.33
C ILE A 104 1.36 14.18 -7.09
N GLN A 105 1.32 13.09 -7.87
CA GLN A 105 0.13 12.82 -8.67
C GLN A 105 -0.03 11.36 -9.07
N VAL A 106 1.03 10.72 -9.55
CA VAL A 106 0.93 9.36 -10.09
C VAL A 106 2.31 8.70 -10.07
N PRO A 107 2.50 7.66 -9.25
CA PRO A 107 3.77 6.92 -9.31
C PRO A 107 3.98 6.32 -10.68
N HIS A 108 5.21 6.41 -11.17
CA HIS A 108 5.49 5.90 -12.51
C HIS A 108 6.43 4.69 -12.45
N TYR A 109 7.73 4.92 -12.30
CA TYR A 109 8.72 3.84 -12.24
C TYR A 109 9.00 3.48 -10.79
N TRP A 110 9.15 2.17 -10.52
CA TRP A 110 9.29 1.68 -9.16
C TRP A 110 10.61 0.94 -8.99
N GLY A 111 11.10 0.92 -7.76
CA GLY A 111 12.27 0.12 -7.45
C GLY A 111 11.88 -1.30 -7.12
N GLN A 112 12.87 -2.04 -6.59
CA GLN A 112 12.71 -3.44 -6.23
C GLN A 112 12.17 -3.65 -4.82
N GLY A 113 12.27 -2.65 -3.96
CA GLY A 113 11.82 -2.75 -2.58
C GLY A 113 12.93 -3.21 -1.65
N THR A 114 12.80 -2.81 -0.38
CA THR A 114 13.65 -3.29 0.69
C THR A 114 12.76 -3.76 1.84
N LEU A 115 13.09 -4.91 2.44
CA LEU A 115 12.20 -5.54 3.40
C LEU A 115 12.47 -4.97 4.79
N VAL A 116 11.40 -4.59 5.49
CA VAL A 116 11.47 -4.04 6.82
C VAL A 116 10.61 -4.93 7.72
N THR A 117 11.25 -5.58 8.70
CA THR A 117 10.57 -6.43 9.66
C THR A 117 10.67 -5.78 11.04
N VAL A 118 9.54 -5.67 11.73
CA VAL A 118 9.52 -5.09 13.07
C VAL A 118 8.90 -6.11 14.02
N SER A 119 9.68 -6.58 14.98
CA SER A 119 9.27 -7.67 15.85
C SER A 119 10.19 -7.71 17.06
N SER A 120 9.64 -8.15 18.18
CA SER A 120 10.45 -8.43 19.36
C SER A 120 11.14 -9.78 19.28
N ALA A 121 10.81 -10.61 18.29
CA ALA A 121 11.54 -11.84 18.07
C ALA A 121 12.91 -11.52 17.47
N SER A 122 13.91 -12.28 17.87
CA SER A 122 15.25 -12.11 17.34
C SER A 122 15.48 -13.11 16.21
N THR A 123 16.61 -12.98 15.53
CA THR A 123 16.85 -13.80 14.35
C THR A 123 17.17 -15.23 14.75
N LYS A 124 16.59 -16.18 14.02
CA LYS A 124 16.79 -17.58 14.33
C LYS A 124 16.69 -18.41 13.06
N GLY A 125 17.67 -19.28 12.85
CA GLY A 125 17.63 -20.20 11.75
C GLY A 125 16.58 -21.27 11.96
N PRO A 126 16.14 -21.89 10.87
CA PRO A 126 15.05 -22.86 10.96
C PRO A 126 15.51 -24.19 11.52
N SER A 127 14.53 -24.91 12.05
CA SER A 127 14.64 -26.35 12.28
C SER A 127 13.97 -27.04 11.10
N VAL A 128 14.67 -27.95 10.45
CA VAL A 128 14.15 -28.63 9.27
C VAL A 128 13.80 -30.05 9.67
N PHE A 129 12.53 -30.41 9.51
CA PHE A 129 12.02 -31.74 9.80
C PHE A 129 11.51 -32.38 8.52
N PRO A 130 11.62 -33.69 8.37
CA PRO A 130 11.15 -34.33 7.14
C PRO A 130 9.65 -34.56 7.16
N LEU A 131 9.03 -34.38 5.99
CA LEU A 131 7.66 -34.81 5.74
C LEU A 131 7.80 -36.13 4.98
N ALA A 132 7.88 -37.22 5.75
CA ALA A 132 8.38 -38.50 5.25
C ALA A 132 7.28 -39.27 4.54
N PRO A 133 7.54 -39.80 3.34
CA PRO A 133 6.48 -40.47 2.57
C PRO A 133 6.14 -41.84 3.16
N SER A 134 4.85 -42.09 3.33
CA SER A 134 4.35 -43.36 3.85
C SER A 134 3.91 -44.24 2.70
N SER A 135 4.33 -45.50 2.73
CA SER A 135 4.05 -46.46 1.66
C SER A 135 2.70 -47.16 1.83
N LYS A 136 1.73 -46.51 2.49
CA LYS A 136 0.42 -47.10 2.74
C LYS A 136 -0.56 -46.87 1.59
N SER A 137 -0.06 -46.86 0.34
CA SER A 137 -0.87 -46.68 -0.87
C SER A 137 -1.67 -45.39 -0.85
N THR A 138 -1.00 -44.29 -0.52
CA THR A 138 -1.59 -42.96 -0.66
C THR A 138 -1.71 -42.66 -2.15
N SER A 139 -2.91 -42.93 -2.69
CA SER A 139 -3.31 -42.94 -4.11
C SER A 139 -2.69 -44.09 -4.90
N GLY A 140 -1.88 -44.93 -4.29
CA GLY A 140 -1.35 -46.13 -4.95
C GLY A 140 -0.08 -45.99 -5.77
N GLY A 141 -0.04 -45.02 -6.67
CA GLY A 141 1.10 -44.88 -7.57
C GLY A 141 1.86 -43.58 -7.47
N THR A 142 1.41 -42.68 -6.58
CA THR A 142 2.07 -41.41 -6.34
C THR A 142 2.53 -41.35 -4.89
N ALA A 143 3.46 -40.43 -4.61
CA ALA A 143 4.03 -40.30 -3.27
C ALA A 143 4.55 -38.88 -3.11
N ALA A 144 3.87 -38.09 -2.30
CA ALA A 144 4.35 -36.77 -1.94
C ALA A 144 5.30 -36.91 -0.75
N LEU A 145 6.50 -36.35 -0.88
CA LEU A 145 7.43 -36.23 0.22
C LEU A 145 7.96 -34.81 0.25
N GLY A 146 8.10 -34.25 1.44
CA GLY A 146 8.57 -32.89 1.51
C GLY A 146 9.45 -32.63 2.72
N CYS A 147 9.72 -31.36 3.00
CA CYS A 147 10.37 -31.05 4.26
C CYS A 147 9.80 -29.74 4.81
N LEU A 148 9.63 -29.76 6.14
CA LEU A 148 9.03 -28.70 6.91
C LEU A 148 10.12 -27.80 7.49
N VAL A 149 10.12 -26.54 7.07
CA VAL A 149 11.06 -25.52 7.50
C VAL A 149 10.37 -24.74 8.61
N LYS A 150 10.76 -24.97 9.86
CA LYS A 150 9.97 -24.61 11.03
C LYS A 150 10.70 -23.55 11.85
N ASP A 151 9.94 -22.51 12.24
CA ASP A 151 10.33 -21.55 13.28
C ASP A 151 11.61 -20.80 12.89
N TYR A 152 11.60 -20.16 11.74
CA TYR A 152 12.73 -19.32 11.37
C TYR A 152 12.32 -17.85 11.44
N PHE A 153 13.32 -16.98 11.62
CA PHE A 153 13.06 -15.55 11.67
C PHE A 153 14.31 -14.75 11.34
N PRO A 154 14.21 -13.67 10.55
CA PRO A 154 13.01 -13.23 9.84
C PRO A 154 12.96 -13.80 8.44
N GLU A 155 12.05 -13.27 7.62
CA GLU A 155 12.05 -13.55 6.19
C GLU A 155 13.33 -13.00 5.56
N PRO A 156 13.76 -13.55 4.40
CA PRO A 156 13.26 -14.69 3.63
C PRO A 156 14.08 -15.96 3.84
N VAL A 157 13.63 -17.03 3.20
CA VAL A 157 14.40 -18.27 3.13
C VAL A 157 14.33 -18.78 1.70
N THR A 158 15.44 -19.34 1.23
CA THR A 158 15.49 -19.93 -0.10
C THR A 158 15.63 -21.44 0.03
N VAL A 159 14.70 -22.18 -0.58
CA VAL A 159 14.71 -23.63 -0.54
C VAL A 159 15.14 -24.15 -1.90
N SER A 160 16.16 -25.01 -1.91
CA SER A 160 16.69 -25.61 -3.13
C SER A 160 16.68 -27.11 -2.95
N TRP A 161 15.86 -27.82 -3.74
CA TRP A 161 15.78 -29.26 -3.61
C TRP A 161 16.98 -29.88 -4.33
N ASN A 162 18.01 -30.22 -3.54
CA ASN A 162 19.21 -30.91 -3.97
C ASN A 162 20.01 -30.07 -4.99
N SER A 163 20.45 -28.90 -4.50
CA SER A 163 21.45 -28.05 -5.17
C SER A 163 20.99 -27.55 -6.53
N GLY A 164 19.69 -27.30 -6.68
CA GLY A 164 19.17 -26.83 -7.96
C GLY A 164 19.08 -27.89 -9.03
N ALA A 165 18.76 -29.13 -8.65
CA ALA A 165 18.60 -30.22 -9.60
C ALA A 165 17.16 -30.69 -9.72
N LEU A 166 16.51 -30.97 -8.59
CA LEU A 166 15.13 -31.47 -8.60
C LEU A 166 14.20 -30.28 -8.83
N THR A 167 13.62 -30.20 -10.03
CA THR A 167 12.84 -29.05 -10.47
C THR A 167 11.36 -29.33 -10.62
N SER A 168 10.99 -30.37 -11.37
CA SER A 168 9.58 -30.68 -11.58
C SER A 168 8.98 -31.38 -10.37
N GLY A 169 7.69 -31.12 -10.14
CA GLY A 169 7.00 -31.58 -8.96
C GLY A 169 7.30 -30.80 -7.70
N VAL A 170 8.26 -29.88 -7.74
CA VAL A 170 8.75 -29.19 -6.56
C VAL A 170 7.99 -27.88 -6.42
N HIS A 171 7.19 -27.77 -5.37
CA HIS A 171 6.57 -26.48 -5.03
C HIS A 171 7.08 -26.06 -3.66
N THR A 172 8.04 -25.14 -3.65
CA THR A 172 8.49 -24.50 -2.41
C THR A 172 7.41 -23.49 -2.05
N PHE A 173 6.57 -23.85 -1.08
CA PHE A 173 5.38 -23.08 -0.75
C PHE A 173 5.74 -21.78 -0.04
N PRO A 174 4.88 -20.77 -0.10
CA PRO A 174 5.16 -19.52 0.61
C PRO A 174 5.03 -19.71 2.11
N ALA A 175 5.69 -18.82 2.84
CA ALA A 175 5.80 -18.91 4.28
C ALA A 175 4.52 -18.46 4.97
N VAL A 176 4.29 -19.00 6.17
CA VAL A 176 3.22 -18.54 7.03
C VAL A 176 3.82 -18.08 8.35
N LEU A 177 3.18 -17.07 8.92
CA LEU A 177 3.54 -16.52 10.22
C LEU A 177 2.76 -17.27 11.28
N GLN A 178 3.46 -17.85 12.24
CA GLN A 178 2.81 -18.58 13.31
C GLN A 178 2.54 -17.65 14.49
N SER A 179 1.70 -18.14 15.41
CA SER A 179 1.29 -17.34 16.57
C SER A 179 2.47 -17.02 17.49
N SER A 180 3.57 -17.77 17.38
CA SER A 180 4.81 -17.49 18.10
C SER A 180 5.59 -16.31 17.53
N GLY A 181 5.20 -15.79 16.37
CA GLY A 181 5.95 -14.73 15.73
C GLY A 181 7.05 -15.18 14.78
N LEU A 182 7.23 -16.48 14.62
CA LEU A 182 8.23 -17.04 13.71
C LEU A 182 7.54 -17.59 12.47
N TYR A 183 8.33 -17.79 11.41
CA TYR A 183 7.81 -18.27 10.14
C TYR A 183 8.07 -19.76 9.96
N SER A 184 7.22 -20.41 9.18
CA SER A 184 7.38 -21.82 8.78
C SER A 184 6.82 -21.97 7.37
N LEU A 185 7.41 -22.87 6.58
CA LEU A 185 6.92 -23.19 5.24
C LEU A 185 7.26 -24.64 4.91
N SER A 186 6.58 -25.17 3.91
CA SER A 186 6.79 -26.54 3.47
C SER A 186 7.31 -26.54 2.05
N SER A 187 8.10 -27.56 1.71
CA SER A 187 8.58 -27.73 0.34
C SER A 187 8.35 -29.18 -0.03
N VAL A 188 7.35 -29.45 -0.88
CA VAL A 188 7.00 -30.83 -1.23
C VAL A 188 7.37 -31.11 -2.67
N VAL A 189 7.65 -32.39 -2.93
CA VAL A 189 7.87 -32.97 -4.24
C VAL A 189 6.91 -34.14 -4.38
N THR A 190 6.32 -34.29 -5.57
CA THR A 190 5.44 -35.41 -5.86
C THR A 190 6.17 -36.36 -6.81
N VAL A 191 6.46 -37.58 -6.33
CA VAL A 191 7.27 -38.53 -7.08
C VAL A 191 6.60 -39.90 -7.00
N PRO A 192 6.70 -40.74 -8.03
CA PRO A 192 6.01 -42.04 -7.99
C PRO A 192 6.59 -42.98 -6.94
N SER A 193 5.83 -44.04 -6.66
CA SER A 193 6.15 -44.92 -5.54
C SER A 193 7.40 -45.75 -5.81
N SER A 194 7.65 -46.11 -7.07
CA SER A 194 8.86 -46.85 -7.41
C SER A 194 10.10 -45.97 -7.44
N SER A 195 9.95 -44.65 -7.32
CA SER A 195 11.09 -43.74 -7.26
C SER A 195 11.64 -43.58 -5.84
N LEU A 196 11.06 -44.28 -4.86
CA LEU A 196 11.38 -44.03 -3.46
C LEU A 196 12.59 -44.83 -2.98
N GLY A 197 12.63 -46.12 -3.29
CA GLY A 197 13.75 -46.93 -2.85
C GLY A 197 15.03 -46.74 -3.62
N THR A 198 15.00 -45.97 -4.70
CA THR A 198 16.13 -45.81 -5.60
C THR A 198 16.84 -44.48 -5.46
N GLN A 199 16.12 -43.36 -5.57
CA GLN A 199 16.74 -42.06 -5.72
C GLN A 199 17.20 -41.53 -4.36
N THR A 200 17.57 -40.24 -4.33
CA THR A 200 18.00 -39.55 -3.11
C THR A 200 17.41 -38.16 -3.14
N TYR A 201 16.61 -37.82 -2.13
CA TYR A 201 15.91 -36.54 -2.07
C TYR A 201 16.42 -35.78 -0.86
N ILE A 202 17.17 -34.71 -1.12
CA ILE A 202 17.75 -33.84 -0.11
C ILE A 202 17.21 -32.44 -0.33
N CYS A 203 16.63 -31.85 0.70
CA CYS A 203 16.22 -30.45 0.65
C CYS A 203 17.30 -29.60 1.31
N ASN A 204 17.82 -28.62 0.57
CA ASN A 204 18.66 -27.57 1.12
C ASN A 204 17.78 -26.39 1.47
N VAL A 205 18.05 -25.81 2.63
CA VAL A 205 17.32 -24.67 3.15
C VAL A 205 18.36 -23.63 3.54
N ASN A 206 18.32 -22.47 2.89
CA ASN A 206 19.32 -21.42 3.09
C ASN A 206 18.60 -20.22 3.69
N HIS A 207 18.91 -19.93 4.95
CA HIS A 207 18.38 -18.78 5.67
C HIS A 207 19.53 -17.81 5.88
N LYS A 208 19.70 -16.90 4.93
CA LYS A 208 20.73 -15.87 5.02
C LYS A 208 20.62 -14.93 6.23
N PRO A 209 19.45 -14.45 6.68
CA PRO A 209 19.45 -13.52 7.83
C PRO A 209 19.92 -14.13 9.15
N SER A 210 20.14 -15.44 9.23
CA SER A 210 20.75 -16.06 10.39
C SER A 210 22.04 -16.80 10.03
N ASN A 211 22.50 -16.67 8.78
CA ASN A 211 23.73 -17.30 8.27
C ASN A 211 23.69 -18.82 8.45
N THR A 212 22.56 -19.43 8.09
CA THR A 212 22.38 -20.85 8.30
C THR A 212 22.06 -21.54 6.99
N LYS A 213 22.72 -22.66 6.74
CA LYS A 213 22.38 -23.57 5.66
C LYS A 213 22.12 -24.95 6.26
N VAL A 214 21.05 -25.60 5.82
CA VAL A 214 20.64 -26.90 6.36
C VAL A 214 20.38 -27.83 5.20
N ASP A 215 21.05 -28.98 5.18
CA ASP A 215 20.75 -30.04 4.24
C ASP A 215 20.06 -31.19 4.96
N LYS A 216 19.02 -31.75 4.36
CA LYS A 216 18.26 -32.79 5.05
C LYS A 216 17.74 -33.77 4.02
N LYS A 217 18.09 -35.05 4.17
CA LYS A 217 17.63 -36.10 3.27
C LYS A 217 16.35 -36.71 3.82
N VAL A 218 15.27 -36.63 3.03
CA VAL A 218 14.01 -37.23 3.44
C VAL A 218 13.95 -38.65 2.91
N GLU A 219 13.50 -39.57 3.75
CA GLU A 219 13.51 -41.00 3.53
C GLU A 219 12.16 -41.54 3.99
N PRO A 220 11.69 -42.65 3.42
CA PRO A 220 10.32 -43.11 3.72
C PRO A 220 10.13 -43.51 5.18
N LYS A 221 8.86 -43.58 5.57
CA LYS A 221 8.49 -44.06 6.88
C LYS A 221 8.82 -45.55 7.00
N SER A 222 9.42 -45.93 8.13
CA SER A 222 9.79 -47.32 8.43
C SER A 222 9.82 -47.46 9.95
N CYS A 223 10.39 -48.56 10.44
CA CYS A 223 10.34 -48.78 11.87
C CYS A 223 11.44 -49.74 12.34
N ALA B 3 -7.59 2.26 0.86
CA ALA B 3 -8.90 2.76 1.28
C ALA B 3 -9.88 2.71 0.11
N LEU B 4 -9.38 2.76 -1.12
CA LEU B 4 -10.22 2.49 -2.28
C LEU B 4 -10.57 1.00 -2.32
N THR B 5 -11.80 0.70 -2.70
CA THR B 5 -12.33 -0.66 -2.59
C THR B 5 -12.33 -1.35 -3.97
N GLN B 6 -11.68 -2.49 -4.04
CA GLN B 6 -11.55 -3.33 -5.22
C GLN B 6 -12.12 -4.72 -4.93
N PRO B 7 -12.63 -5.42 -5.96
CA PRO B 7 -12.95 -6.85 -5.78
C PRO B 7 -11.68 -7.63 -5.53
N ARG B 8 -11.81 -8.71 -4.76
CA ARG B 8 -10.64 -9.52 -4.41
C ARG B 8 -10.05 -10.21 -5.64
N SER B 9 -10.89 -10.69 -6.54
CA SER B 9 -10.39 -11.48 -7.65
C SER B 9 -11.34 -11.40 -8.84
N VAL B 10 -10.76 -11.45 -10.04
CA VAL B 10 -11.49 -11.63 -11.28
C VAL B 10 -10.77 -12.71 -12.07
N SER B 11 -11.46 -13.29 -13.03
CA SER B 11 -10.84 -14.33 -13.85
C SER B 11 -11.45 -14.36 -15.24
N GLY B 12 -10.70 -14.93 -16.18
CA GLY B 12 -11.17 -15.11 -17.54
C GLY B 12 -10.20 -15.98 -18.32
N SER B 13 -10.70 -16.49 -19.43
CA SER B 13 -9.89 -17.23 -20.39
C SER B 13 -9.36 -16.27 -21.44
N PRO B 14 -8.32 -16.64 -22.21
CA PRO B 14 -7.79 -15.71 -23.21
C PRO B 14 -8.82 -15.31 -24.26
N GLY B 15 -8.84 -14.03 -24.59
CA GLY B 15 -9.86 -13.48 -25.45
C GLY B 15 -11.05 -12.89 -24.72
N GLN B 16 -11.29 -13.32 -23.48
CA GLN B 16 -12.39 -12.76 -22.71
C GLN B 16 -12.05 -11.37 -22.22
N SER B 17 -13.07 -10.70 -21.70
CA SER B 17 -12.93 -9.35 -21.15
C SER B 17 -13.22 -9.37 -19.66
N VAL B 18 -12.47 -8.58 -18.91
CA VAL B 18 -12.74 -8.44 -17.48
C VAL B 18 -12.73 -6.96 -17.12
N THR B 19 -13.58 -6.60 -16.16
CA THR B 19 -13.63 -5.25 -15.63
C THR B 19 -13.37 -5.31 -14.14
N ILE B 20 -12.47 -4.47 -13.68
CA ILE B 20 -12.09 -4.34 -12.28
C ILE B 20 -12.56 -2.97 -11.84
N SER B 21 -13.43 -2.93 -10.85
CA SER B 21 -13.92 -1.66 -10.33
C SER B 21 -13.04 -1.18 -9.17
N CYS B 22 -13.16 0.11 -8.87
CA CYS B 22 -12.35 0.76 -7.84
C CYS B 22 -13.16 1.93 -7.29
N THR B 23 -13.80 1.75 -6.15
CA THR B 23 -14.68 2.80 -5.62
C THR B 23 -13.97 3.54 -4.49
N GLY B 24 -13.92 4.85 -4.61
CA GLY B 24 -13.37 5.67 -3.55
C GLY B 24 -14.45 6.56 -2.98
N THR B 25 -14.09 7.79 -2.67
CA THR B 25 -15.03 8.78 -2.13
C THR B 25 -15.02 10.02 -3.01
N ASN B 26 -15.86 10.98 -2.61
CA ASN B 26 -15.90 12.25 -3.32
C ASN B 26 -14.72 13.16 -2.97
N ASP B 27 -13.77 12.70 -2.13
CA ASP B 27 -12.56 13.44 -1.84
C ASP B 27 -11.34 12.88 -2.57
N ASP B 28 -11.48 11.78 -3.30
CA ASP B 28 -10.36 11.26 -4.09
C ASP B 28 -10.79 10.96 -5.53
N VAL B 29 -11.37 9.78 -5.77
CA VAL B 29 -11.76 9.37 -7.13
C VAL B 29 -12.79 10.33 -7.70
N GLY B 30 -13.80 10.70 -6.89
CA GLY B 30 -14.82 11.61 -7.36
C GLY B 30 -14.37 13.05 -7.49
N GLU B 31 -13.28 13.44 -6.86
CA GLU B 31 -12.92 14.85 -6.87
C GLU B 31 -11.96 15.22 -8.00
N TYR B 32 -11.05 14.31 -8.39
CA TYR B 32 -9.97 14.62 -9.32
C TYR B 32 -10.01 13.68 -10.52
N ASN B 33 -9.32 14.07 -11.60
CA ASN B 33 -9.09 13.19 -12.73
C ASN B 33 -7.68 12.60 -12.71
N TYR B 34 -7.24 12.20 -11.50
CA TYR B 34 -5.89 11.69 -11.26
C TYR B 34 -5.96 10.23 -10.80
N VAL B 35 -6.62 9.38 -11.58
CA VAL B 35 -6.75 7.96 -11.26
C VAL B 35 -5.73 7.19 -12.08
N SER B 36 -5.01 6.28 -11.43
CA SER B 36 -3.98 5.49 -12.07
C SER B 36 -4.18 4.01 -11.73
N TRP B 37 -3.65 3.16 -12.59
CA TRP B 37 -3.74 1.70 -12.43
C TRP B 37 -2.39 1.07 -12.66
N TYR B 38 -2.09 0.08 -11.81
CA TYR B 38 -0.82 -0.62 -11.77
C TYR B 38 -1.04 -2.12 -11.91
N GLN B 39 -0.15 -2.75 -12.67
CA GLN B 39 -0.03 -4.20 -12.79
C GLN B 39 1.18 -4.65 -11.98
N GLN B 40 1.04 -5.78 -11.29
CA GLN B 40 2.15 -6.35 -10.53
C GLN B 40 2.11 -7.85 -10.72
N HIS B 41 3.16 -8.37 -11.32
CA HIS B 41 3.35 -9.80 -11.45
C HIS B 41 3.94 -10.34 -10.16
N PRO B 42 3.66 -11.61 -9.82
CA PRO B 42 4.28 -12.25 -8.66
C PRO B 42 5.80 -12.13 -8.64
N GLY B 43 6.34 -11.51 -7.59
CA GLY B 43 7.78 -11.35 -7.44
C GLY B 43 8.38 -10.13 -8.11
N LYS B 44 7.57 -9.25 -8.71
CA LYS B 44 8.06 -8.11 -9.47
C LYS B 44 7.53 -6.81 -8.88
N ALA B 45 8.11 -5.70 -9.34
CA ALA B 45 7.64 -4.38 -8.94
C ALA B 45 6.38 -4.01 -9.73
N PRO B 46 5.56 -3.10 -9.21
CA PRO B 46 4.41 -2.63 -10.00
C PRO B 46 4.86 -1.88 -11.24
N LYS B 47 3.96 -1.87 -12.21
CA LYS B 47 4.14 -1.22 -13.49
C LYS B 47 2.92 -0.35 -13.76
N LEU B 48 3.14 0.92 -14.09
CA LEU B 48 2.04 1.82 -14.41
C LEU B 48 1.38 1.42 -15.73
N MET B 49 0.07 1.15 -15.68
CA MET B 49 -0.73 0.78 -16.85
C MET B 49 -1.66 1.90 -17.31
N ILE B 50 -2.22 2.71 -16.40
CA ILE B 50 -3.15 3.78 -16.77
C ILE B 50 -2.83 5.00 -15.92
N TYR B 51 -2.85 6.20 -16.52
CA TYR B 51 -2.70 7.43 -15.75
C TYR B 51 -3.75 8.44 -16.23
N ASP B 52 -4.15 9.33 -15.31
CA ASP B 52 -5.15 10.37 -15.55
C ASP B 52 -6.45 9.76 -16.04
N VAL B 53 -6.92 8.75 -15.30
CA VAL B 53 -8.16 8.01 -15.52
C VAL B 53 -8.13 7.14 -16.78
N THR B 54 -7.79 7.71 -17.95
CA THR B 54 -7.99 7.00 -19.20
C THR B 54 -6.74 6.79 -20.04
N LYS B 55 -5.60 7.35 -19.68
CA LYS B 55 -4.46 7.39 -20.60
C LYS B 55 -3.48 6.24 -20.35
N ARG B 56 -2.94 5.70 -21.45
CA ARG B 56 -1.96 4.63 -21.42
C ARG B 56 -0.57 5.18 -21.63
N PRO B 57 0.41 4.77 -20.82
CA PRO B 57 1.81 5.06 -21.15
C PRO B 57 2.20 4.33 -22.42
N SER B 58 3.24 4.86 -23.05
CA SER B 58 3.79 4.25 -24.25
C SER B 58 4.20 2.81 -23.97
N GLY B 59 3.73 1.90 -24.82
CA GLY B 59 4.02 0.50 -24.68
C GLY B 59 2.92 -0.34 -24.05
N VAL B 60 2.03 0.25 -23.26
CA VAL B 60 0.90 -0.54 -22.72
C VAL B 60 -0.04 -0.89 -23.87
N PRO B 61 -0.39 -2.16 -24.07
CA PRO B 61 -1.27 -2.53 -25.18
C PRO B 61 -2.65 -1.93 -25.00
N ASP B 62 -3.28 -1.57 -26.12
CA ASP B 62 -4.52 -0.81 -25.98
C ASP B 62 -5.72 -1.67 -25.63
N ARG B 63 -5.52 -2.98 -25.44
CA ARG B 63 -6.55 -3.79 -24.81
C ARG B 63 -6.80 -3.37 -23.35
N PHE B 64 -5.89 -2.62 -22.73
CA PHE B 64 -6.13 -2.02 -21.43
C PHE B 64 -6.77 -0.65 -21.64
N SER B 65 -7.96 -0.46 -21.07
CA SER B 65 -8.63 0.84 -21.09
C SER B 65 -9.24 1.07 -19.71
N ALA B 66 -9.63 2.31 -19.44
CA ALA B 66 -10.15 2.63 -18.12
C ALA B 66 -11.06 3.85 -18.20
N SER B 67 -11.92 3.99 -17.19
CA SER B 67 -12.81 5.13 -17.12
C SER B 67 -13.16 5.39 -15.66
N LYS B 68 -14.03 6.38 -15.46
CA LYS B 68 -14.48 6.79 -14.14
C LYS B 68 -15.90 7.32 -14.27
N SER B 69 -16.73 7.09 -13.25
CA SER B 69 -18.04 7.72 -13.15
C SER B 69 -18.29 7.97 -11.67
N GLY B 70 -18.51 9.24 -11.31
CA GLY B 70 -18.57 9.65 -9.91
C GLY B 70 -17.38 9.18 -9.09
N ASN B 71 -17.67 8.37 -8.07
CA ASN B 71 -16.67 7.85 -7.14
C ASN B 71 -16.11 6.49 -7.54
N THR B 72 -16.41 5.99 -8.74
CA THR B 72 -15.97 4.65 -9.13
C THR B 72 -15.14 4.73 -10.42
N ALA B 73 -13.91 4.24 -10.36
CA ALA B 73 -13.09 4.02 -11.54
C ALA B 73 -13.19 2.55 -11.95
N SER B 74 -12.87 2.28 -13.22
CA SER B 74 -12.95 0.94 -13.75
C SER B 74 -11.81 0.72 -14.73
N LEU B 75 -11.20 -0.45 -14.64
CA LEU B 75 -10.19 -0.92 -15.59
C LEU B 75 -10.76 -2.10 -16.37
N THR B 76 -10.71 -2.03 -17.70
CA THR B 76 -11.20 -3.09 -18.56
C THR B 76 -10.03 -3.64 -19.35
N ILE B 77 -9.89 -4.97 -19.34
CA ILE B 77 -8.96 -5.68 -20.19
C ILE B 77 -9.81 -6.46 -21.17
N SER B 78 -9.81 -6.03 -22.44
CA SER B 78 -10.60 -6.64 -23.49
C SER B 78 -9.72 -7.63 -24.27
N GLY B 79 -10.11 -8.90 -24.27
CA GLY B 79 -9.29 -9.88 -24.94
C GLY B 79 -8.02 -10.15 -24.17
N LEU B 80 -8.17 -10.51 -22.90
CA LEU B 80 -7.02 -10.67 -22.02
C LEU B 80 -6.11 -11.79 -22.50
N GLN B 81 -4.84 -11.70 -22.18
CA GLN B 81 -3.86 -12.69 -22.58
C GLN B 81 -3.28 -13.33 -21.33
N ALA B 82 -2.55 -14.44 -21.54
CA ALA B 82 -1.93 -15.18 -20.43
C ALA B 82 -0.99 -14.27 -19.62
N GLU B 83 -0.24 -13.39 -20.30
CA GLU B 83 0.67 -12.45 -19.67
C GLU B 83 -0.03 -11.44 -18.78
N ASP B 84 -1.35 -11.29 -18.87
CA ASP B 84 -2.07 -10.33 -18.02
C ASP B 84 -2.38 -10.87 -16.64
N GLU B 85 -2.09 -12.14 -16.37
CA GLU B 85 -2.34 -12.71 -15.05
C GLU B 85 -1.43 -12.05 -14.03
N ALA B 86 -2.03 -11.37 -13.06
CA ALA B 86 -1.28 -10.46 -12.20
C ALA B 86 -2.21 -9.90 -11.14
N ASN B 87 -1.69 -9.06 -10.27
CA ASN B 87 -2.51 -8.24 -9.39
C ASN B 87 -2.61 -6.84 -9.97
N TYR B 88 -3.78 -6.23 -9.83
CA TYR B 88 -4.01 -4.88 -10.32
C TYR B 88 -4.48 -4.01 -9.17
N TYR B 89 -3.92 -2.80 -9.12
CA TYR B 89 -4.14 -1.86 -8.04
C TYR B 89 -4.59 -0.56 -8.67
N CYS B 90 -5.74 -0.06 -8.24
CA CYS B 90 -6.06 1.32 -8.58
C CYS B 90 -5.42 2.25 -7.56
N CYS B 91 -5.37 3.52 -7.94
CA CYS B 91 -4.67 4.52 -7.14
C CYS B 91 -5.25 5.88 -7.49
N SER B 92 -5.31 6.77 -6.50
CA SER B 92 -5.87 8.09 -6.78
C SER B 92 -5.18 9.15 -5.94
N TYR B 93 -5.06 10.34 -6.51
CA TYR B 93 -4.81 11.52 -5.69
C TYR B 93 -5.92 11.64 -4.65
N ALA B 94 -5.54 11.97 -3.42
CA ALA B 94 -6.50 12.07 -2.33
C ALA B 94 -6.57 13.49 -1.78
N GLY B 95 -6.01 14.46 -2.48
CA GLY B 95 -6.02 15.81 -1.99
C GLY B 95 -4.90 16.07 -0.99
N THR B 96 -4.46 17.32 -0.98
CA THR B 96 -3.45 17.82 -0.07
C THR B 96 -2.17 16.98 -0.11
N TYR B 97 -1.77 16.66 -1.35
CA TYR B 97 -0.49 16.05 -1.68
C TYR B 97 -0.40 14.60 -1.19
N HIS B 98 -1.55 13.97 -0.92
CA HIS B 98 -1.64 12.57 -0.54
C HIS B 98 -2.05 11.69 -1.72
N MET B 99 -1.59 10.45 -1.72
CA MET B 99 -2.09 9.44 -2.62
C MET B 99 -2.82 8.37 -1.80
N VAL B 100 -3.65 7.59 -2.47
CA VAL B 100 -4.29 6.46 -1.81
C VAL B 100 -4.42 5.33 -2.82
N PHE B 101 -4.18 4.11 -2.36
CA PHE B 101 -4.25 2.91 -3.19
C PHE B 101 -5.50 2.10 -2.89
N GLY B 102 -6.01 1.45 -3.95
CA GLY B 102 -6.96 0.39 -3.74
C GLY B 102 -6.31 -0.86 -3.17
N GLY B 103 -7.16 -1.75 -2.65
CA GLY B 103 -6.69 -2.95 -1.99
C GLY B 103 -6.20 -4.05 -2.91
N GLY B 104 -6.38 -3.91 -4.22
CA GLY B 104 -5.85 -4.90 -5.14
C GLY B 104 -6.82 -6.00 -5.55
N THR B 105 -6.69 -6.42 -6.81
CA THR B 105 -7.51 -7.47 -7.39
C THR B 105 -6.59 -8.47 -8.06
N LYS B 106 -6.74 -9.75 -7.73
CA LYS B 106 -5.97 -10.79 -8.43
C LYS B 106 -6.70 -11.18 -9.70
N LEU B 107 -6.00 -11.13 -10.82
CA LEU B 107 -6.53 -11.55 -12.10
C LEU B 107 -5.90 -12.88 -12.46
N THR B 108 -6.76 -13.90 -12.59
CA THR B 108 -6.38 -15.25 -12.96
C THR B 108 -6.78 -15.50 -14.41
N VAL B 109 -5.84 -16.02 -15.20
CA VAL B 109 -6.10 -16.36 -16.58
C VAL B 109 -6.30 -17.87 -16.66
N LEU B 110 -7.49 -18.28 -17.07
CA LEU B 110 -7.92 -19.67 -17.06
C LEU B 110 -7.71 -20.31 -18.44
N VAL B 111 -8.14 -21.56 -18.58
CA VAL B 111 -8.35 -22.19 -19.89
C VAL B 111 -9.80 -22.66 -19.89
N LEU B 112 -10.62 -22.05 -20.75
CA LEU B 112 -12.08 -22.26 -20.73
C LEU B 112 -12.47 -23.71 -20.93
N GLY B 113 -13.19 -24.27 -19.95
CA GLY B 113 -13.79 -25.59 -20.06
C GLY B 113 -13.00 -26.76 -19.51
N GLN B 114 -11.95 -26.52 -18.74
CA GLN B 114 -11.05 -27.57 -18.24
C GLN B 114 -11.69 -28.26 -17.03
N PRO B 115 -11.18 -29.44 -16.60
CA PRO B 115 -11.88 -30.24 -15.58
C PRO B 115 -12.13 -29.51 -14.27
N LYS B 116 -13.10 -30.01 -13.52
CA LYS B 116 -13.64 -29.21 -12.42
C LYS B 116 -12.98 -29.52 -11.07
N ALA B 117 -12.65 -30.78 -10.79
CA ALA B 117 -12.25 -31.12 -9.41
C ALA B 117 -11.37 -32.37 -9.37
N ALA B 118 -10.10 -32.22 -8.97
CA ALA B 118 -9.24 -33.37 -8.68
C ALA B 118 -8.12 -33.01 -7.69
N PRO B 119 -8.44 -32.69 -6.44
CA PRO B 119 -7.37 -32.42 -5.46
C PRO B 119 -6.76 -33.68 -4.89
N SER B 120 -5.42 -33.68 -4.74
CA SER B 120 -4.66 -34.80 -4.15
C SER B 120 -4.14 -34.35 -2.78
N VAL B 121 -4.93 -34.66 -1.75
CA VAL B 121 -4.69 -34.17 -0.40
C VAL B 121 -3.79 -35.15 0.36
N THR B 122 -2.67 -34.65 0.88
CA THR B 122 -1.67 -35.47 1.57
C THR B 122 -1.43 -34.90 2.96
N LEU B 123 -1.73 -35.68 3.99
CA LEU B 123 -1.70 -35.22 5.37
C LEU B 123 -0.54 -35.90 6.09
N PHE B 124 0.47 -35.10 6.48
CA PHE B 124 1.64 -35.59 7.21
C PHE B 124 1.43 -35.38 8.71
N PRO B 125 1.55 -36.44 9.50
CA PRO B 125 1.62 -36.32 10.96
C PRO B 125 2.90 -35.62 11.40
N PRO B 126 3.00 -35.20 12.66
CA PRO B 126 4.27 -34.65 13.14
C PRO B 126 5.35 -35.72 13.16
N SER B 127 6.53 -35.35 12.67
CA SER B 127 7.62 -36.31 12.60
C SER B 127 8.16 -36.58 14.00
N SER B 128 8.91 -37.69 14.09
CA SER B 128 9.51 -38.09 15.36
C SER B 128 10.56 -37.10 15.82
N GLU B 129 11.37 -36.59 14.88
CA GLU B 129 12.37 -35.58 15.21
C GLU B 129 11.72 -34.29 15.71
N GLU B 130 10.57 -33.93 15.16
CA GLU B 130 9.88 -32.72 15.61
C GLU B 130 9.35 -32.89 17.04
N LEU B 131 8.74 -34.05 17.33
CA LEU B 131 8.27 -34.30 18.68
C LEU B 131 9.41 -34.38 19.68
N GLN B 132 10.59 -34.86 19.25
CA GLN B 132 11.76 -34.86 20.11
C GLN B 132 12.26 -33.44 20.39
N ALA B 133 11.94 -32.49 19.51
CA ALA B 133 12.26 -31.09 19.71
C ALA B 133 11.16 -30.33 20.42
N ASN B 134 10.21 -31.05 21.03
CA ASN B 134 9.08 -30.49 21.79
C ASN B 134 8.15 -29.66 20.90
N LYS B 135 7.90 -30.12 19.68
CA LYS B 135 7.00 -29.45 18.74
C LYS B 135 6.15 -30.49 18.03
N ALA B 136 5.13 -30.02 17.31
CA ALA B 136 4.21 -30.90 16.60
C ALA B 136 3.45 -30.12 15.55
N THR B 137 3.59 -30.49 14.28
CA THR B 137 2.92 -29.83 13.17
C THR B 137 2.31 -30.88 12.26
N LEU B 138 1.01 -30.75 12.00
CA LEU B 138 0.37 -31.50 10.94
C LEU B 138 0.43 -30.67 9.67
N VAL B 139 0.84 -31.28 8.56
CA VAL B 139 0.99 -30.56 7.30
C VAL B 139 0.10 -31.18 6.24
N CYS B 140 -0.84 -30.40 5.71
CA CYS B 140 -1.84 -30.86 4.75
C CYS B 140 -1.56 -30.19 3.41
N LEU B 141 -1.17 -30.99 2.42
CA LEU B 141 -0.71 -30.47 1.14
C LEU B 141 -1.71 -30.85 0.06
N ILE B 142 -2.22 -29.84 -0.65
CA ILE B 142 -3.25 -30.02 -1.66
C ILE B 142 -2.65 -29.62 -3.00
N SER B 143 -2.78 -30.46 -4.01
CA SER B 143 -2.09 -30.18 -5.25
C SER B 143 -2.79 -30.83 -6.43
N ASP B 144 -2.38 -30.38 -7.63
CA ASP B 144 -2.80 -30.94 -8.93
C ASP B 144 -4.31 -30.86 -9.13
N PHE B 145 -4.87 -29.67 -8.85
CA PHE B 145 -6.29 -29.43 -8.94
C PHE B 145 -6.55 -28.11 -9.67
N TYR B 146 -7.64 -28.08 -10.43
CA TYR B 146 -8.08 -26.95 -11.22
C TYR B 146 -9.59 -27.09 -11.32
N PRO B 147 -10.37 -26.00 -11.21
CA PRO B 147 -10.06 -24.73 -10.56
C PRO B 147 -10.86 -24.53 -9.25
N GLY B 148 -10.30 -23.81 -8.29
CA GLY B 148 -11.02 -23.60 -7.05
C GLY B 148 -10.42 -22.55 -6.14
N ALA B 149 -11.26 -21.86 -5.37
CA ALA B 149 -10.81 -20.97 -4.31
C ALA B 149 -11.33 -21.47 -2.97
N VAL B 150 -11.50 -22.79 -2.87
CA VAL B 150 -12.22 -23.43 -1.78
C VAL B 150 -11.34 -23.60 -0.55
N THR B 151 -11.93 -24.03 0.56
CA THR B 151 -11.31 -23.87 1.88
C THR B 151 -10.74 -25.17 2.44
N VAL B 152 -10.14 -25.07 3.63
CA VAL B 152 -9.51 -26.17 4.36
C VAL B 152 -9.86 -26.05 5.84
N ALA B 153 -10.60 -27.02 6.39
CA ALA B 153 -10.92 -27.09 7.81
C ALA B 153 -10.16 -28.25 8.47
N TRP B 154 -10.14 -28.23 9.80
CA TRP B 154 -9.43 -29.21 10.61
C TRP B 154 -10.33 -29.68 11.74
N LYS B 155 -10.17 -30.95 12.15
CA LYS B 155 -10.96 -31.53 13.23
C LYS B 155 -10.09 -32.40 14.11
N ALA B 156 -10.41 -32.47 15.41
CA ALA B 156 -9.77 -33.37 16.35
C ALA B 156 -10.84 -34.28 16.94
N ASP B 157 -10.67 -35.58 16.74
CA ASP B 157 -11.66 -36.64 17.06
C ASP B 157 -12.97 -36.27 16.38
N SER B 158 -14.08 -36.16 17.11
CA SER B 158 -15.37 -35.78 16.56
C SER B 158 -15.68 -34.30 16.78
N SER B 159 -14.68 -33.50 17.18
CA SER B 159 -14.92 -32.10 17.48
C SER B 159 -14.08 -31.18 16.59
N PRO B 160 -14.64 -30.06 16.12
CA PRO B 160 -13.91 -29.21 15.17
C PRO B 160 -12.76 -28.47 15.82
N VAL B 161 -11.76 -28.13 15.00
CA VAL B 161 -10.59 -27.39 15.42
C VAL B 161 -10.65 -26.02 14.78
N LYS B 162 -10.62 -24.98 15.60
CA LYS B 162 -10.64 -23.60 15.15
C LYS B 162 -9.54 -22.81 15.83
N ALA B 163 -8.35 -23.40 15.95
CA ALA B 163 -7.24 -22.77 16.68
C ALA B 163 -5.93 -23.40 16.24
N GLY B 164 -5.00 -22.59 15.76
CA GLY B 164 -3.69 -23.07 15.35
C GLY B 164 -3.56 -23.38 13.88
N VAL B 165 -4.50 -22.92 13.06
CA VAL B 165 -4.59 -23.27 11.65
C VAL B 165 -4.00 -22.13 10.83
N GLU B 166 -3.11 -22.45 9.89
CA GLU B 166 -2.64 -21.47 8.92
C GLU B 166 -2.68 -22.08 7.52
N THR B 167 -3.00 -21.26 6.51
CA THR B 167 -3.30 -21.77 5.16
C THR B 167 -2.83 -20.79 4.10
N THR B 168 -2.19 -21.30 3.04
CA THR B 168 -1.65 -20.47 1.96
C THR B 168 -2.52 -20.57 0.72
N THR B 169 -2.81 -19.41 0.11
CA THR B 169 -3.67 -19.33 -1.08
C THR B 169 -2.99 -20.02 -2.28
N PRO B 170 -3.77 -20.61 -3.18
CA PRO B 170 -3.19 -21.47 -4.23
C PRO B 170 -2.48 -20.68 -5.33
N SER B 171 -1.70 -21.40 -6.15
CA SER B 171 -0.89 -20.80 -7.20
C SER B 171 -0.70 -21.77 -8.37
N LYS B 172 -0.60 -21.23 -9.57
CA LYS B 172 -0.42 -22.02 -10.79
C LYS B 172 0.93 -22.76 -10.78
N GLN B 173 1.03 -23.75 -11.66
CA GLN B 173 2.27 -24.49 -11.85
C GLN B 173 2.39 -24.85 -13.34
N SER B 174 3.25 -25.82 -13.66
CA SER B 174 3.56 -26.14 -15.05
C SER B 174 2.37 -26.77 -15.77
N ASN B 175 1.60 -27.60 -15.07
CA ASN B 175 0.39 -28.19 -15.62
C ASN B 175 -0.87 -27.47 -15.15
N ASN B 176 -0.74 -26.20 -14.76
CA ASN B 176 -1.85 -25.27 -14.48
C ASN B 176 -2.78 -25.80 -13.38
N LYS B 177 -2.22 -25.97 -12.17
CA LYS B 177 -2.90 -26.70 -11.11
C LYS B 177 -2.76 -25.98 -9.76
N TYR B 178 -3.25 -26.63 -8.70
CA TYR B 178 -3.62 -25.96 -7.44
C TYR B 178 -2.43 -25.53 -6.59
N ALA B 179 -1.74 -26.50 -5.98
CA ALA B 179 -0.50 -26.32 -5.21
C ALA B 179 -0.69 -25.33 -4.05
N ALA B 180 -1.37 -25.80 -3.01
CA ALA B 180 -1.65 -25.02 -1.79
C ALA B 180 -1.30 -25.83 -0.55
N SER B 181 -1.27 -25.12 0.60
CA SER B 181 -0.73 -25.64 1.85
C SER B 181 -1.63 -25.28 3.04
N SER B 182 -1.63 -26.16 4.05
CA SER B 182 -2.21 -25.82 5.34
C SER B 182 -1.44 -26.53 6.45
N TYR B 183 -1.49 -25.94 7.64
CA TYR B 183 -0.68 -26.33 8.78
C TYR B 183 -1.53 -26.25 10.04
N LEU B 184 -1.39 -27.26 10.90
CA LEU B 184 -1.99 -27.24 12.22
C LEU B 184 -0.88 -27.41 13.26
N SER B 185 -0.64 -26.35 14.04
CA SER B 185 0.36 -26.37 15.10
C SER B 185 -0.27 -26.89 16.38
N LEU B 186 0.41 -27.86 17.02
CA LEU B 186 0.00 -28.45 18.28
C LEU B 186 1.21 -28.54 19.21
N THR B 187 0.93 -28.90 20.45
CA THR B 187 1.98 -29.39 21.33
C THR B 187 2.06 -30.91 21.21
N PRO B 188 3.17 -31.53 21.64
CA PRO B 188 3.22 -33.00 21.62
C PRO B 188 2.13 -33.66 22.46
N GLU B 189 1.72 -33.00 23.55
CA GLU B 189 0.64 -33.53 24.39
C GLU B 189 -0.68 -33.58 23.64
N GLN B 190 -0.99 -32.54 22.87
CA GLN B 190 -2.22 -32.52 22.09
C GLN B 190 -2.21 -33.61 21.01
N TRP B 191 -1.04 -33.83 20.39
CA TRP B 191 -0.96 -34.82 19.32
C TRP B 191 -1.07 -36.24 19.87
N LYS B 192 -0.51 -36.49 21.06
CA LYS B 192 -0.67 -37.81 21.65
C LYS B 192 -1.99 -38.00 22.39
N SER B 193 -2.73 -36.92 22.65
CA SER B 193 -3.95 -37.02 23.45
C SER B 193 -5.14 -37.49 22.62
N HIS B 194 -5.47 -36.76 21.55
CA HIS B 194 -6.58 -37.16 20.70
C HIS B 194 -6.19 -38.40 19.89
N ARG B 195 -7.20 -39.07 19.35
CA ARG B 195 -6.95 -40.32 18.65
C ARG B 195 -6.86 -40.16 17.14
N SER B 196 -7.37 -39.04 16.62
CA SER B 196 -7.18 -38.73 15.22
C SER B 196 -7.38 -37.24 15.00
N TYR B 197 -6.65 -36.70 14.04
CA TYR B 197 -6.94 -35.39 13.49
C TYR B 197 -7.33 -35.55 12.02
N SER B 198 -8.04 -34.56 11.52
CA SER B 198 -8.56 -34.59 10.17
C SER B 198 -8.30 -33.26 9.48
N CYS B 199 -7.71 -33.33 8.31
CA CYS B 199 -7.70 -32.23 7.35
C CYS B 199 -8.87 -32.49 6.42
N GLN B 200 -10.00 -31.83 6.67
CA GLN B 200 -11.15 -31.94 5.78
C GLN B 200 -11.20 -30.69 4.92
N VAL B 201 -11.39 -30.87 3.63
CA VAL B 201 -11.56 -29.75 2.72
C VAL B 201 -12.94 -29.92 2.10
N THR B 202 -13.41 -28.87 1.45
CA THR B 202 -14.68 -28.92 0.74
C THR B 202 -14.51 -28.21 -0.59
N HIS B 203 -14.78 -28.91 -1.69
CA HIS B 203 -14.89 -28.26 -2.99
C HIS B 203 -16.15 -28.72 -3.69
N GLU B 204 -16.89 -27.74 -4.26
CA GLU B 204 -18.11 -27.99 -5.05
C GLU B 204 -19.17 -28.69 -4.19
N GLY B 205 -19.24 -28.30 -2.92
CA GLY B 205 -20.13 -28.94 -1.98
C GLY B 205 -19.71 -30.34 -1.56
N SER B 206 -18.59 -30.84 -2.06
CA SER B 206 -18.10 -32.18 -1.77
C SER B 206 -16.99 -32.09 -0.72
N THR B 207 -17.22 -32.70 0.43
CA THR B 207 -16.22 -32.75 1.48
C THR B 207 -15.25 -33.90 1.22
N VAL B 208 -13.95 -33.60 1.31
CA VAL B 208 -12.87 -34.57 1.13
C VAL B 208 -12.00 -34.53 2.38
N GLU B 209 -11.97 -35.62 3.12
CA GLU B 209 -11.33 -35.63 4.45
C GLU B 209 -10.19 -36.64 4.48
N LYS B 210 -9.04 -36.21 5.01
CA LYS B 210 -7.95 -37.12 5.32
C LYS B 210 -7.75 -37.18 6.83
N THR B 211 -7.66 -38.40 7.37
CA THR B 211 -7.60 -38.64 8.80
C THR B 211 -6.26 -39.29 9.13
N VAL B 212 -5.63 -38.82 10.21
CA VAL B 212 -4.32 -39.30 10.64
C VAL B 212 -4.29 -39.36 12.16
N ALA B 213 -3.84 -40.51 12.69
CA ALA B 213 -3.79 -40.95 14.08
C ALA B 213 -2.35 -41.03 14.59
N PRO B 214 -2.13 -40.84 15.90
CA PRO B 214 -0.79 -41.06 16.46
C PRO B 214 -0.49 -42.55 16.54
N THR B 215 0.68 -42.94 16.06
CA THR B 215 1.09 -44.33 16.02
C THR B 215 2.50 -44.42 16.55
N GLU B 216 2.80 -45.49 17.28
CA GLU B 216 4.12 -45.75 17.84
C GLU B 216 4.58 -47.11 17.35
N CYS B 217 5.82 -47.15 16.85
CA CYS B 217 6.36 -48.34 16.24
C CYS B 217 7.68 -48.72 16.90
N VAL C 1 -23.00 21.48 14.70
CA VAL C 1 -22.17 20.41 14.17
C VAL C 1 -21.29 19.84 15.29
N GLY C 2 -20.91 18.57 15.17
CA GLY C 2 -20.10 17.94 16.19
C GLY C 2 -18.68 18.47 16.24
N VAL C 3 -18.06 18.34 17.41
CA VAL C 3 -16.70 18.83 17.62
C VAL C 3 -15.67 17.99 16.84
N ASP C 4 -16.01 16.72 16.53
CA ASP C 4 -15.17 15.91 15.64
C ASP C 4 -15.00 16.58 14.28
N GLU C 5 -16.07 17.18 13.76
CA GLU C 5 -16.02 17.86 12.47
C GLU C 5 -15.31 19.21 12.56
N LEU C 6 -15.63 20.02 13.58
CA LEU C 6 -15.06 21.36 13.67
C LEU C 6 -13.56 21.34 13.99
N ASP C 7 -13.06 20.29 14.61
CA ASP C 7 -11.64 20.16 14.90
C ASP C 7 -10.92 19.24 13.92
N LYS C 8 -11.56 18.88 12.81
CA LYS C 8 -10.90 18.10 11.76
C LYS C 8 -9.69 18.86 11.27
N ILE C 9 -8.51 18.28 11.51
CA ILE C 9 -7.25 18.91 11.14
C ILE C 9 -6.34 17.85 10.53
N ASP C 10 -5.50 18.27 9.59
CA ASP C 10 -4.61 17.38 8.86
C ASP C 10 -3.17 17.82 9.13
N LEU C 11 -2.48 17.07 9.99
CA LEU C 11 -1.08 17.33 10.27
C LEU C 11 -0.14 16.45 9.46
N SER C 12 -0.65 15.66 8.51
CA SER C 12 0.19 14.71 7.79
C SER C 12 0.77 15.30 6.49
N TYR C 13 0.88 16.62 6.39
CA TYR C 13 1.52 17.22 5.23
C TYR C 13 2.14 18.54 5.64
N GLU C 14 3.11 19.00 4.84
CA GLU C 14 3.58 20.36 5.00
C GLU C 14 3.90 20.95 3.64
N THR C 15 3.86 22.28 3.58
CA THR C 15 4.08 23.01 2.36
C THR C 15 4.92 24.25 2.67
N THR C 16 5.28 24.98 1.64
CA THR C 16 5.92 26.29 1.80
C THR C 16 5.00 27.34 1.20
N GLU C 17 5.41 28.60 1.33
CA GLU C 17 4.69 29.69 0.66
C GLU C 17 4.68 29.48 -0.85
N SER C 18 5.83 29.16 -1.45
CA SER C 18 5.83 28.94 -2.88
C SER C 18 5.28 27.58 -3.31
N GLY C 19 5.12 26.62 -2.39
CA GLY C 19 4.63 25.29 -2.77
C GLY C 19 5.50 24.63 -3.83
N ASP C 20 4.86 24.08 -4.86
CA ASP C 20 5.57 23.42 -5.95
C ASP C 20 5.99 24.36 -7.07
N THR C 21 5.71 25.66 -6.96
CA THR C 21 6.20 26.54 -8.01
C THR C 21 7.68 26.85 -7.79
N ALA C 22 8.34 27.28 -8.85
CA ALA C 22 9.73 27.74 -8.78
C ALA C 22 9.82 29.26 -8.65
N VAL C 23 8.86 29.88 -7.95
CA VAL C 23 8.83 31.32 -7.77
C VAL C 23 9.43 31.65 -6.42
N SER C 24 10.51 32.41 -6.41
CA SER C 24 11.12 32.84 -5.16
C SER C 24 10.35 34.02 -4.59
N GLU C 25 10.56 34.25 -3.28
CA GLU C 25 9.83 35.29 -2.56
C GLU C 25 10.10 36.68 -3.11
N ASP C 26 11.29 36.89 -3.69
CA ASP C 26 11.61 38.16 -4.34
C ASP C 26 10.67 38.44 -5.50
N SER C 27 10.13 37.40 -6.14
CA SER C 27 9.35 37.53 -7.36
C SER C 27 7.84 37.42 -7.14
N TYR C 28 7.38 37.49 -5.90
CA TYR C 28 5.94 37.42 -5.64
C TYR C 28 5.27 38.72 -6.08
N ASP C 29 4.01 38.59 -6.51
CA ASP C 29 3.14 39.75 -6.69
C ASP C 29 2.44 39.98 -5.37
N LYS C 30 2.97 40.89 -4.55
CA LYS C 30 2.41 41.20 -3.25
C LYS C 30 1.49 42.41 -3.34
N TYR C 31 0.31 42.29 -2.74
CA TYR C 31 -0.66 43.39 -2.78
C TYR C 31 -1.52 43.29 -1.53
N ALA C 32 -2.16 44.38 -1.16
CA ALA C 32 -3.00 44.42 0.02
C ALA C 32 -4.44 43.97 -0.29
N SER C 33 -5.09 43.42 0.74
CA SER C 33 -6.52 43.16 0.72
C SER C 33 -7.31 44.44 0.45
N GLN C 34 -8.49 44.28 -0.17
CA GLN C 34 -9.41 45.37 -0.46
C GLN C 34 -10.15 45.74 0.81
N ASN C 35 -10.09 47.03 1.19
CA ASN C 35 -10.75 47.51 2.39
C ASN C 35 -12.14 48.01 1.99
N THR C 36 -13.18 47.22 2.29
CA THR C 36 -14.58 47.54 2.04
C THR C 36 -15.29 47.58 3.40
N ASN C 37 -15.53 48.79 3.91
CA ASN C 37 -16.04 49.07 5.27
C ASN C 37 -15.06 48.47 6.28
N LYS C 38 -15.50 47.65 7.22
CA LYS C 38 -14.61 46.92 8.11
C LYS C 38 -14.33 45.52 7.59
N GLU C 39 -14.62 45.26 6.33
CA GLU C 39 -14.36 43.96 5.71
C GLU C 39 -13.13 44.06 4.84
N TYR C 40 -12.16 43.17 5.07
CA TYR C 40 -10.97 43.07 4.25
C TYR C 40 -11.12 41.85 3.35
N VAL C 41 -10.91 42.03 2.05
CA VAL C 41 -11.27 41.01 1.08
C VAL C 41 -10.05 40.66 0.24
N CYS C 42 -9.76 39.36 0.15
CA CYS C 42 -8.85 38.83 -0.86
C CYS C 42 -9.71 38.09 -1.86
N ASP C 43 -9.81 38.62 -3.08
CA ASP C 43 -10.62 38.02 -4.13
C ASP C 43 -9.65 37.48 -5.17
N PHE C 44 -9.61 36.16 -5.35
CA PHE C 44 -8.66 35.54 -6.25
C PHE C 44 -9.23 35.20 -7.62
N THR C 45 -10.50 35.53 -7.89
CA THR C 45 -11.14 35.06 -9.13
C THR C 45 -10.43 35.57 -10.38
N ASP C 46 -10.04 36.85 -10.39
CA ASP C 46 -9.29 37.35 -11.53
C ASP C 46 -7.79 37.06 -11.42
N GLN C 47 -7.26 37.05 -10.19
CA GLN C 47 -5.81 36.99 -9.98
C GLN C 47 -5.20 35.64 -10.35
N LEU C 48 -5.99 34.57 -10.37
CA LEU C 48 -5.45 33.24 -10.54
C LEU C 48 -5.73 32.63 -11.90
N LYS C 49 -6.40 33.36 -12.80
CA LYS C 49 -6.70 32.86 -14.13
C LYS C 49 -5.41 32.54 -14.88
N PRO C 50 -5.42 31.51 -15.73
CA PRO C 50 -4.25 31.17 -16.55
C PRO C 50 -3.76 32.36 -17.36
N THR C 51 -2.48 32.68 -17.20
CA THR C 51 -1.82 33.75 -17.92
C THR C 51 -0.59 33.18 -18.61
N GLU C 52 -0.13 33.86 -19.66
CA GLU C 52 1.00 33.33 -20.42
C GLU C 52 2.28 33.33 -19.60
N SER C 53 2.39 34.25 -18.64
CA SER C 53 3.53 34.29 -17.73
C SER C 53 3.31 33.49 -16.46
N GLY C 54 2.37 32.55 -16.46
CA GLY C 54 2.12 31.70 -15.30
C GLY C 54 3.14 30.58 -15.19
N PRO C 55 3.31 30.00 -13.99
CA PRO C 55 2.64 30.35 -12.72
C PRO C 55 3.28 31.52 -12.00
N LYS C 56 2.44 32.45 -11.54
CA LYS C 56 2.88 33.50 -10.63
C LYS C 56 2.41 33.16 -9.22
N VAL C 57 3.05 33.79 -8.25
CA VAL C 57 2.55 33.78 -6.88
C VAL C 57 1.87 35.12 -6.63
N LYS C 58 0.58 35.06 -6.31
CA LYS C 58 -0.22 36.21 -5.94
C LYS C 58 -0.43 36.17 -4.43
N LYS C 59 0.18 37.10 -3.71
CA LYS C 59 0.12 37.13 -2.25
C LYS C 59 -0.71 38.33 -1.82
N CYS C 60 -1.89 38.05 -1.27
CA CYS C 60 -2.76 39.09 -0.72
C CYS C 60 -2.48 39.22 0.76
N GLU C 61 -2.13 40.42 1.21
CA GLU C 61 -1.72 40.67 2.59
C GLU C 61 -2.85 41.36 3.35
N VAL C 62 -3.32 40.71 4.40
CA VAL C 62 -4.36 41.23 5.27
C VAL C 62 -3.68 41.65 6.55
N LYS C 63 -3.52 42.95 6.77
CA LYS C 63 -2.91 43.47 7.98
C LYS C 63 -4.03 43.98 8.88
N VAL C 64 -4.16 43.39 10.06
CA VAL C 64 -5.23 43.71 10.99
C VAL C 64 -4.63 44.29 12.27
N ASN C 65 -5.00 45.53 12.60
CA ASN C 65 -4.77 46.03 13.95
C ASN C 65 -5.96 46.85 14.46
N GLU C 66 -7.15 46.63 13.91
CA GLU C 66 -8.37 47.21 14.43
C GLU C 66 -9.31 46.09 14.86
N PRO C 67 -10.16 46.32 15.86
CA PRO C 67 -11.02 45.25 16.36
C PRO C 67 -12.21 44.96 15.46
N LEU C 68 -12.73 43.74 15.63
CA LEU C 68 -13.99 43.28 15.03
C LEU C 68 -13.96 43.33 13.50
N ILE C 69 -12.80 43.05 12.92
CA ILE C 69 -12.63 43.13 11.48
C ILE C 69 -13.03 41.81 10.85
N LYS C 70 -13.90 41.89 9.83
CA LYS C 70 -14.31 40.75 9.04
C LYS C 70 -13.29 40.49 7.94
N VAL C 71 -12.82 39.24 7.85
CA VAL C 71 -11.93 38.82 6.78
C VAL C 71 -12.70 37.84 5.90
N LYS C 72 -12.72 38.12 4.59
CA LYS C 72 -13.39 37.32 3.59
C LYS C 72 -12.40 36.96 2.49
N ILE C 73 -12.33 35.69 2.14
CA ILE C 73 -11.46 35.21 1.06
C ILE C 73 -12.30 34.44 0.06
N ILE C 74 -12.19 34.81 -1.21
CA ILE C 74 -12.90 34.15 -2.30
C ILE C 74 -11.86 33.40 -3.13
N CYS C 75 -12.09 32.10 -3.29
CA CYS C 75 -11.23 31.26 -4.12
C CYS C 75 -12.12 30.72 -5.23
N PRO C 76 -11.80 31.00 -6.50
CA PRO C 76 -12.69 30.60 -7.60
C PRO C 76 -12.88 29.09 -7.68
N LEU C 77 -14.10 28.67 -7.96
CA LEU C 77 -14.44 27.27 -7.91
C LEU C 77 -14.12 26.58 -9.22
N LYS C 78 -13.69 25.32 -9.11
CA LYS C 78 -13.56 24.42 -10.25
C LYS C 78 -14.88 24.38 -11.01
N GLY C 79 -14.81 24.68 -12.32
CA GLY C 79 -16.00 24.63 -13.14
C GLY C 79 -16.93 25.82 -13.01
N SER C 80 -16.56 26.83 -12.21
CA SER C 80 -17.35 28.05 -12.19
C SER C 80 -17.31 28.73 -13.56
N VAL C 81 -16.16 28.67 -14.24
CA VAL C 81 -16.02 29.07 -15.64
C VAL C 81 -15.31 27.90 -16.30
N GLU C 82 -15.54 27.71 -17.60
CA GLU C 82 -14.91 26.60 -18.32
C GLU C 82 -13.39 26.78 -18.37
N LYS C 83 -12.67 25.68 -18.12
CA LYS C 83 -11.21 25.54 -18.26
C LYS C 83 -10.35 26.34 -17.28
N LEU C 84 -10.83 27.47 -16.77
CA LEU C 84 -9.94 28.43 -16.12
C LEU C 84 -9.41 27.94 -14.78
N TYR C 85 -10.20 27.12 -14.07
CA TYR C 85 -9.86 26.70 -12.72
C TYR C 85 -9.97 25.18 -12.58
N ASP C 86 -9.76 24.44 -13.68
CA ASP C 86 -10.09 23.01 -13.69
C ASP C 86 -9.26 22.20 -12.71
N ASN C 87 -8.04 22.65 -12.38
CA ASN C 87 -7.17 21.90 -11.48
C ASN C 87 -6.84 22.66 -10.20
N ILE C 88 -7.70 23.63 -9.82
CA ILE C 88 -7.42 24.45 -8.64
C ILE C 88 -7.55 23.59 -7.38
N GLU C 89 -6.71 23.87 -6.39
CA GLU C 89 -6.82 23.24 -5.07
C GLU C 89 -6.72 24.34 -4.02
N TYR C 90 -7.31 24.09 -2.87
CA TYR C 90 -7.22 25.02 -1.75
C TYR C 90 -6.73 24.28 -0.52
N VAL C 91 -6.03 24.99 0.35
CA VAL C 91 -5.44 24.39 1.54
C VAL C 91 -5.46 25.43 2.67
N PRO C 92 -5.84 25.09 3.91
CA PRO C 92 -6.40 23.84 4.40
C PRO C 92 -7.80 23.56 3.85
N LYS C 93 -8.11 22.27 3.72
CA LYS C 93 -9.44 21.85 3.33
C LYS C 93 -10.52 22.35 4.27
N LYS C 94 -10.21 22.48 5.57
CA LYS C 94 -11.19 22.92 6.55
C LYS C 94 -11.00 24.38 6.96
N SER C 95 -10.47 25.21 6.06
CA SER C 95 -10.53 26.66 6.23
C SER C 95 -11.98 27.10 6.38
N PRO C 96 -12.28 28.10 7.22
CA PRO C 96 -11.38 28.93 8.03
C PRO C 96 -11.15 28.38 9.45
N TYR C 97 -11.72 27.21 9.77
CA TYR C 97 -11.51 26.65 11.10
C TYR C 97 -10.07 26.17 11.26
N VAL C 98 -9.42 25.80 10.15
CA VAL C 98 -8.03 25.38 10.12
C VAL C 98 -7.27 26.33 9.22
N VAL C 99 -6.11 26.78 9.68
CA VAL C 99 -5.26 27.70 8.95
C VAL C 99 -3.86 27.12 8.92
N LEU C 100 -3.02 27.66 8.05
CA LEU C 100 -1.59 27.31 8.04
C LEU C 100 -0.79 28.32 8.85
N THR C 101 0.11 27.82 9.67
CA THR C 101 1.08 28.68 10.35
C THR C 101 2.48 28.22 10.00
N LYS C 102 3.43 29.14 10.15
CA LYS C 102 4.82 28.89 9.79
C LYS C 102 5.50 28.24 10.99
N GLU C 103 5.69 26.94 10.91
CA GLU C 103 6.53 26.22 11.83
C GLU C 103 7.86 26.08 11.11
N GLU C 104 8.85 26.86 11.55
CA GLU C 104 10.24 26.80 11.08
C GLU C 104 10.23 27.29 9.65
N THR C 105 10.55 26.46 8.65
CA THR C 105 10.54 26.88 7.25
C THR C 105 9.29 26.40 6.53
N LYS C 106 8.41 25.66 7.21
CA LYS C 106 7.28 24.97 6.59
C LYS C 106 5.96 25.48 7.11
N LEU C 107 4.93 25.42 6.26
CA LEU C 107 3.56 25.72 6.69
C LEU C 107 2.83 24.45 7.11
N LYS C 108 2.27 24.45 8.32
CA LYS C 108 1.50 23.32 8.84
C LYS C 108 0.20 23.80 9.46
N GLU C 109 -0.74 22.87 9.57
CA GLU C 109 -2.11 23.20 9.94
C GLU C 109 -2.22 23.45 11.44
N LYS C 110 -3.03 24.44 11.81
CA LYS C 110 -3.37 24.75 13.18
C LYS C 110 -4.83 25.19 13.25
N LEU C 111 -5.48 24.87 14.37
CA LEU C 111 -6.83 25.36 14.62
C LEU C 111 -6.79 26.86 14.88
N LEU C 112 -7.53 27.62 14.06
CA LEU C 112 -7.55 29.08 14.20
C LEU C 112 -8.09 29.50 15.57
N SER C 113 -9.09 28.77 16.09
CA SER C 113 -9.68 29.15 17.39
C SER C 113 -8.71 28.91 18.53
N LYS C 114 -7.87 27.90 18.40
CA LYS C 114 -6.75 27.71 19.32
C LYS C 114 -5.71 28.81 19.18
N LEU C 115 -5.62 29.45 18.01
CA LEU C 115 -4.61 30.45 17.73
C LEU C 115 -5.03 31.81 18.25
N ILE C 116 -6.27 32.23 17.96
CA ILE C 116 -6.85 33.47 18.45
C ILE C 116 -8.10 33.13 19.25
N TYR C 117 -8.19 33.68 20.44
CA TYR C 117 -9.11 33.19 21.46
C TYR C 117 -10.56 33.67 21.32
N GLY C 118 -10.79 34.93 20.96
CA GLY C 118 -12.15 35.40 20.81
C GLY C 118 -12.67 35.35 19.38
N LEU C 119 -12.27 34.31 18.64
CA LEU C 119 -12.51 34.27 17.21
C LEU C 119 -13.97 33.94 16.89
N LEU C 120 -14.52 34.61 15.87
CA LEU C 120 -15.90 34.42 15.45
C LEU C 120 -15.89 33.78 14.05
N ILE C 121 -16.35 32.54 13.96
CA ILE C 121 -16.48 31.83 12.69
C ILE C 121 -17.92 31.38 12.56
N SER C 122 -18.64 31.99 11.64
CA SER C 122 -20.01 31.60 11.33
C SER C 122 -19.98 30.33 10.48
N PRO C 123 -20.89 29.38 10.72
CA PRO C 123 -20.87 28.14 9.95
C PRO C 123 -21.31 28.30 8.51
N THR C 124 -22.03 29.37 8.18
CA THR C 124 -22.48 29.63 6.82
C THR C 124 -22.19 31.07 6.41
N VAL C 125 -22.12 31.28 5.10
CA VAL C 125 -21.89 32.58 4.47
C VAL C 125 -22.87 32.68 3.31
N ASN C 126 -23.90 33.52 3.46
CA ASN C 126 -25.01 33.66 2.50
C ASN C 126 -25.64 32.30 2.19
N GLU C 127 -25.96 31.58 3.27
CA GLU C 127 -26.64 30.27 3.31
C GLU C 127 -25.83 29.13 2.71
N LYS C 128 -24.59 29.34 2.28
CA LYS C 128 -23.66 28.29 1.88
C LYS C 128 -22.66 28.05 3.00
N GLU C 129 -22.19 26.81 3.13
CA GLU C 129 -21.27 26.47 4.22
C GLU C 129 -19.96 27.25 4.09
N ASN C 130 -19.38 27.55 5.26
CA ASN C 130 -18.20 28.40 5.41
C ASN C 130 -16.99 27.53 5.14
N ASN C 131 -16.65 27.39 3.87
CA ASN C 131 -15.65 26.45 3.40
C ASN C 131 -15.39 26.76 1.94
N PHE C 132 -14.13 26.61 1.53
CA PHE C 132 -13.73 26.87 0.14
C PHE C 132 -14.43 25.98 -0.87
N LYS C 133 -15.08 24.89 -0.44
CA LYS C 133 -15.91 24.09 -1.33
C LYS C 133 -17.04 24.93 -1.92
N GLU C 134 -17.47 25.95 -1.20
CA GLU C 134 -18.47 26.88 -1.71
C GLU C 134 -17.86 28.20 -2.14
N GLY C 135 -16.53 28.29 -2.15
CA GLY C 135 -15.82 29.36 -2.82
C GLY C 135 -15.58 30.60 -1.99
N VAL C 136 -16.14 30.69 -0.78
CA VAL C 136 -16.01 31.87 0.07
C VAL C 136 -15.83 31.41 1.51
N ILE C 137 -14.80 31.95 2.19
CA ILE C 137 -14.70 31.78 3.63
C ILE C 137 -14.68 33.14 4.29
N GLU C 138 -15.09 33.15 5.57
CA GLU C 138 -15.27 34.39 6.31
C GLU C 138 -15.09 34.13 7.79
N PHE C 139 -14.47 35.08 8.47
CA PHE C 139 -14.38 35.01 9.92
C PHE C 139 -14.20 36.43 10.46
N THR C 140 -14.45 36.58 11.75
CA THR C 140 -14.37 37.88 12.40
C THR C 140 -13.43 37.79 13.58
N LEU C 141 -12.54 38.76 13.67
CA LEU C 141 -11.50 38.80 14.67
C LEU C 141 -12.02 39.42 15.96
N PRO C 142 -11.44 39.06 17.12
CA PRO C 142 -12.06 39.38 18.42
C PRO C 142 -12.00 40.86 18.76
N PRO C 143 -12.58 41.28 19.89
CA PRO C 143 -12.41 42.68 20.32
C PRO C 143 -10.98 43.06 20.66
N VAL C 144 -10.23 42.23 21.37
CA VAL C 144 -8.82 42.54 21.63
C VAL C 144 -7.96 41.34 21.25
N VAL C 145 -6.70 41.62 20.94
CA VAL C 145 -5.70 40.62 20.60
C VAL C 145 -4.43 40.97 21.35
N HIS C 146 -3.97 40.06 22.21
CA HIS C 146 -2.78 40.31 23.02
C HIS C 146 -1.49 40.16 22.21
N LYS C 147 -1.35 39.04 21.51
CA LYS C 147 -0.10 38.66 20.87
C LYS C 147 -0.26 38.67 19.35
N ALA C 148 0.76 39.19 18.66
CA ALA C 148 0.77 39.23 17.21
C ALA C 148 0.75 37.80 16.66
N THR C 149 -0.16 37.54 15.73
CA THR C 149 -0.29 36.20 15.16
C THR C 149 -0.36 36.29 13.64
N VAL C 150 0.31 35.37 12.95
CA VAL C 150 0.32 35.36 11.49
C VAL C 150 -0.10 33.96 11.02
N PHE C 151 -0.98 33.92 10.02
CA PHE C 151 -1.42 32.63 9.48
C PHE C 151 -1.78 32.79 8.01
N TYR C 152 -1.96 31.65 7.33
CA TYR C 152 -1.97 31.62 5.87
C TYR C 152 -3.10 30.74 5.34
N PHE C 153 -3.57 31.09 4.15
CA PHE C 153 -4.42 30.22 3.33
C PHE C 153 -3.81 30.12 1.93
N ILE C 154 -4.05 28.99 1.26
CA ILE C 154 -3.55 28.74 -0.09
C ILE C 154 -4.73 28.47 -1.03
N CYS C 155 -4.75 29.15 -2.18
CA CYS C 155 -5.71 28.91 -3.26
C CYS C 155 -4.89 28.82 -4.54
N ASP C 156 -4.56 27.60 -4.97
CA ASP C 156 -3.48 27.35 -5.91
C ASP C 156 -4.06 26.81 -7.21
N ASN C 157 -3.91 27.58 -8.29
CA ASN C 157 -4.41 27.21 -9.60
C ASN C 157 -3.28 26.86 -10.55
N SER C 158 -2.07 26.67 -10.02
CA SER C 158 -0.91 26.51 -10.89
C SER C 158 -0.85 25.15 -11.59
N LYS C 159 -1.68 24.18 -11.19
CA LYS C 159 -1.75 22.95 -11.99
C LYS C 159 -2.68 23.10 -13.18
N THR C 160 -3.39 24.22 -13.29
CA THR C 160 -4.34 24.41 -14.38
C THR C 160 -3.61 24.99 -15.59
N GLU C 161 -3.74 24.32 -16.71
CA GLU C 161 -3.09 24.79 -17.93
C GLU C 161 -4.12 24.91 -19.04
N ASP C 162 -4.09 26.04 -19.74
CA ASP C 162 -4.97 26.32 -20.87
C ASP C 162 -4.08 26.81 -22.01
N ASP C 163 -3.70 25.88 -22.90
CA ASP C 163 -2.80 26.11 -24.04
C ASP C 163 -1.47 26.65 -23.52
N ASN C 164 -1.04 27.85 -23.91
CA ASN C 164 0.23 28.41 -23.47
C ASN C 164 0.13 29.10 -22.12
N LYS C 165 -1.00 29.00 -21.42
CA LYS C 165 -1.24 29.73 -20.19
C LYS C 165 -1.34 28.78 -19.00
N LYS C 166 -0.82 29.22 -17.85
CA LYS C 166 -0.87 28.43 -16.63
C LYS C 166 -1.42 29.30 -15.51
N GLY C 167 -2.25 28.69 -14.67
CA GLY C 167 -2.84 29.41 -13.55
C GLY C 167 -1.80 29.78 -12.51
N ASN C 168 -2.23 30.65 -11.60
CA ASN C 168 -1.34 31.22 -10.60
C ASN C 168 -1.61 30.59 -9.23
N ARG C 169 -0.60 30.65 -8.37
CA ARG C 169 -0.72 30.25 -6.98
C ARG C 169 -1.09 31.47 -6.14
N GLY C 170 -2.14 31.37 -5.34
CA GLY C 170 -2.58 32.46 -4.48
C GLY C 170 -2.29 32.15 -3.02
N ILE C 171 -1.78 33.13 -2.30
CA ILE C 171 -1.49 33.04 -0.88
C ILE C 171 -2.23 34.17 -0.20
N VAL C 172 -2.92 33.87 0.90
CA VAL C 172 -3.37 34.89 1.84
C VAL C 172 -2.46 34.82 3.06
N GLU C 173 -1.83 35.93 3.39
CA GLU C 173 -1.17 36.11 4.67
C GLU C 173 -2.00 37.06 5.52
N VAL C 174 -2.52 36.58 6.63
CA VAL C 174 -3.20 37.42 7.61
C VAL C 174 -2.22 37.68 8.75
N TYR C 175 -1.95 38.95 8.99
CA TYR C 175 -1.08 39.41 10.06
C TYR C 175 -1.95 40.21 11.03
N VAL C 176 -2.19 39.65 12.20
CA VAL C 176 -2.95 40.32 13.25
C VAL C 176 -1.94 40.92 14.21
N GLU C 177 -1.75 42.24 14.10
CA GLU C 177 -0.96 43.01 15.06
C GLU C 177 -1.73 43.14 16.37
N PRO C 178 -1.05 43.30 17.50
CA PRO C 178 -1.77 43.40 18.78
C PRO C 178 -2.58 44.69 18.86
N TYR C 179 -3.84 44.57 19.29
CA TYR C 179 -4.72 45.73 19.37
C TYR C 179 -5.63 45.62 20.59
N GLY C 180 -6.09 46.77 21.08
CA GLY C 180 -7.05 46.82 22.18
C GLY C 180 -6.39 47.06 23.52
#